data_3KTN
#
_entry.id   3KTN
#
_cell.length_a   145.564
_cell.length_b   145.564
_cell.length_c   126.401
_cell.angle_alpha   90.00
_cell.angle_beta   90.00
_cell.angle_gamma   120.00
#
_symmetry.space_group_name_H-M   'P 63 2 2'
#
loop_
_entity.id
_entity.type
_entity.pdbx_description
1 polymer 'Carbohydrate kinase, pfkB family'
2 non-polymer 'SULFATE ION'
3 non-polymer 'MAGNESIUM ION'
4 water water
#
_entity_poly.entity_id   1
_entity_poly.type   'polypeptide(L)'
_entity_poly.pdbx_seq_one_letter_code
;(MSE)SLKIAAFGEV(MSE)LRFTPPEYL(MSE)LEQTEQLR(MSE)NFVGTGVNLLANLAHFQLETALITKLPANRLGE
AGKAALRKLGISDQWVGEKGDHIGSFFAE(MSE)GYGIRPTQVTYQNRHQSAFGISEAKDYDFEAFLAEVD(MSE)VHIC
GISLSLTEKTRDAALILAQKAHAYQKKVCFDFNYRPSLNTANSALF(MSE)RQQYERILPYCDIVFGSRRDLVELLGFIP
REDLEGEAQETELIQRF(MSE)SQYNLEWFAGTTRSHSQNQNYLSGYLYTQNEYQQSEKRPLLNLDRIGAGDAYAAGILY
GYSQNWSLEKAVTFATVNGVLAHTIQGDIPLTTVKQVNHVLEHPNIDLIREGHHHHHH
;
_entity_poly.pdbx_strand_id   A
#
loop_
_chem_comp.id
_chem_comp.type
_chem_comp.name
_chem_comp.formula
MG non-polymer 'MAGNESIUM ION' 'Mg 2'
SO4 non-polymer 'SULFATE ION' 'O4 S -2'
#
# COMPACT_ATOMS: atom_id res chain seq x y z
N SER A 2 -14.98 8.75 -10.86
CA SER A 2 -14.20 8.10 -11.97
C SER A 2 -12.79 8.68 -12.07
N LEU A 3 -12.14 8.82 -10.92
CA LEU A 3 -10.79 9.34 -10.85
C LEU A 3 -9.83 8.34 -11.49
N LYS A 4 -8.93 8.83 -12.35
CA LYS A 4 -7.96 7.95 -12.99
C LYS A 4 -6.70 7.95 -12.14
N ILE A 5 -6.36 6.78 -11.62
CA ILE A 5 -5.20 6.64 -10.74
C ILE A 5 -4.08 5.77 -11.28
N ALA A 6 -2.86 6.25 -11.15
CA ALA A 6 -1.68 5.52 -11.58
C ALA A 6 -0.81 5.31 -10.34
N ALA A 7 0.11 4.36 -10.43
CA ALA A 7 1.01 4.09 -9.32
C ALA A 7 2.38 3.79 -9.91
N PHE A 8 3.41 4.28 -9.24
CA PHE A 8 4.78 4.05 -9.68
C PHE A 8 5.33 3.07 -8.66
N GLY A 9 5.64 1.86 -9.11
CA GLY A 9 6.13 0.89 -8.15
C GLY A 9 6.73 -0.39 -8.70
N GLU A 10 6.83 -1.35 -7.79
CA GLU A 10 7.43 -2.64 -8.04
C GLU A 10 6.46 -3.83 -8.11
N VAL A 11 6.78 -4.77 -8.99
CA VAL A 11 6.00 -6.00 -9.13
C VAL A 11 6.91 -7.09 -8.59
N MSE A 12 6.38 -7.93 -7.71
CA MSE A 12 7.16 -9.03 -7.14
C MSE A 12 6.42 -10.36 -7.29
O MSE A 12 5.19 -10.39 -7.38
CB MSE A 12 7.42 -8.81 -5.65
CG MSE A 12 8.56 -7.86 -5.31
SE MSE A 12 9.02 -8.05 -3.42
CE MSE A 12 10.46 -9.32 -3.59
N LEU A 13 7.19 -11.44 -7.28
CA LEU A 13 6.63 -12.78 -7.35
C LEU A 13 6.49 -13.26 -5.91
N ARG A 14 5.34 -13.78 -5.55
CA ARG A 14 5.14 -14.33 -4.22
C ARG A 14 4.92 -15.83 -4.36
N PHE A 15 5.67 -16.62 -3.62
CA PHE A 15 5.54 -18.07 -3.66
C PHE A 15 4.97 -18.52 -2.33
N THR A 16 3.89 -19.27 -2.36
CA THR A 16 3.26 -19.72 -1.13
C THR A 16 2.88 -21.19 -1.18
N PRO A 17 3.29 -21.97 -0.17
CA PRO A 17 2.94 -23.39 -0.18
C PRO A 17 1.44 -23.42 0.16
N PRO A 18 0.72 -24.47 -0.25
CA PRO A 18 -0.71 -24.45 0.10
C PRO A 18 -1.01 -24.65 1.59
N GLU A 19 -2.25 -24.35 1.97
CA GLU A 19 -2.72 -24.49 3.34
C GLU A 19 -1.79 -23.76 4.32
N TYR A 20 -1.30 -24.46 5.35
CA TYR A 20 -0.39 -23.84 6.33
C TYR A 20 0.94 -24.58 6.32
N LEU A 21 1.26 -25.19 5.18
CA LEU A 21 2.48 -25.96 5.03
C LEU A 21 3.75 -25.13 4.96
N MSE A 22 4.87 -25.74 5.34
CA MSE A 22 6.16 -25.04 5.32
C MSE A 22 6.94 -25.48 4.09
O MSE A 22 6.62 -26.51 3.48
CB MSE A 22 6.95 -25.38 6.59
CG MSE A 22 6.25 -25.00 7.88
SE MSE A 22 7.24 -25.54 9.48
CE MSE A 22 6.47 -27.28 9.72
N LEU A 23 7.96 -24.71 3.74
CA LEU A 23 8.81 -25.03 2.59
C LEU A 23 9.43 -26.41 2.73
N GLU A 24 9.84 -26.77 3.94
CA GLU A 24 10.44 -28.09 4.15
C GLU A 24 9.44 -29.25 4.13
N GLN A 25 8.15 -28.95 4.02
CA GLN A 25 7.15 -30.02 4.00
C GLN A 25 6.64 -30.38 2.62
N THR A 26 6.75 -29.45 1.67
CA THR A 26 6.22 -29.74 0.34
C THR A 26 6.94 -28.98 -0.75
N GLU A 27 6.91 -29.52 -1.96
CA GLU A 27 7.54 -28.89 -3.11
C GLU A 27 6.51 -28.04 -3.84
N GLN A 28 5.25 -28.18 -3.43
CA GLN A 28 4.13 -27.46 -4.04
C GLN A 28 4.07 -25.98 -3.67
N LEU A 29 3.68 -25.16 -4.65
CA LEU A 29 3.57 -23.73 -4.44
C LEU A 29 2.52 -23.12 -5.36
N ARG A 30 2.02 -21.97 -4.96
CA ARG A 30 1.12 -21.19 -5.80
C ARG A 30 1.93 -19.90 -5.90
N MSE A 31 2.10 -19.39 -7.11
CA MSE A 31 2.83 -18.15 -7.31
C MSE A 31 1.88 -17.05 -7.74
O MSE A 31 0.91 -17.31 -8.45
CB MSE A 31 3.90 -18.32 -8.39
CG MSE A 31 4.59 -17.02 -8.80
SE MSE A 31 5.69 -17.20 -10.41
CE MSE A 31 4.36 -16.77 -11.74
N ASN A 32 2.14 -15.83 -7.31
CA ASN A 32 1.30 -14.72 -7.72
C ASN A 32 2.16 -13.47 -7.92
N PHE A 33 1.64 -12.53 -8.71
CA PHE A 33 2.33 -11.27 -8.96
C PHE A 33 1.70 -10.28 -8.01
N VAL A 34 2.49 -9.77 -7.08
CA VAL A 34 2.02 -8.83 -6.09
C VAL A 34 3.00 -7.66 -6.00
N GLY A 35 2.75 -6.80 -5.02
CA GLY A 35 3.57 -5.61 -4.80
C GLY A 35 2.63 -4.52 -4.31
N THR A 36 3.15 -3.55 -3.56
CA THR A 36 2.33 -2.45 -3.06
C THR A 36 1.49 -1.81 -4.16
N GLY A 37 2.14 -1.44 -5.27
CA GLY A 37 1.42 -0.83 -6.38
C GLY A 37 0.40 -1.75 -7.02
N VAL A 38 0.70 -3.04 -7.08
CA VAL A 38 -0.22 -4.00 -7.67
C VAL A 38 -1.43 -4.18 -6.77
N ASN A 39 -1.20 -4.38 -5.48
CA ASN A 39 -2.29 -4.57 -4.52
C ASN A 39 -3.22 -3.36 -4.51
N LEU A 40 -2.62 -2.18 -4.47
CA LEU A 40 -3.38 -0.94 -4.45
C LEU A 40 -4.24 -0.77 -5.69
N LEU A 41 -3.61 -0.78 -6.85
CA LEU A 41 -4.34 -0.60 -8.10
C LEU A 41 -5.36 -1.71 -8.37
N ALA A 42 -5.03 -2.93 -7.98
CA ALA A 42 -5.94 -4.06 -8.19
C ALA A 42 -7.24 -3.83 -7.43
N ASN A 43 -7.13 -3.41 -6.17
CA ASN A 43 -8.31 -3.17 -5.36
C ASN A 43 -9.12 -1.99 -5.92
N LEU A 44 -8.41 -0.92 -6.29
CA LEU A 44 -9.07 0.26 -6.85
C LEU A 44 -9.77 -0.08 -8.19
N ALA A 45 -9.15 -0.97 -8.97
CA ALA A 45 -9.76 -1.38 -10.24
C ALA A 45 -11.03 -2.17 -9.92
N HIS A 46 -11.00 -2.94 -8.85
CA HIS A 46 -12.17 -3.70 -8.45
C HIS A 46 -13.24 -2.77 -7.90
N PHE A 47 -12.83 -1.56 -7.51
CA PHE A 47 -13.77 -0.57 -7.01
C PHE A 47 -14.25 0.23 -8.21
N GLN A 48 -13.84 -0.21 -9.40
CA GLN A 48 -14.23 0.39 -10.67
C GLN A 48 -13.62 1.72 -11.07
N LEU A 49 -12.37 1.96 -10.67
CA LEU A 49 -11.69 3.18 -11.05
C LEU A 49 -10.72 2.74 -12.13
N GLU A 50 -10.29 3.67 -12.98
CA GLU A 50 -9.35 3.36 -14.02
C GLU A 50 -7.96 3.42 -13.39
N THR A 51 -7.20 2.34 -13.55
CA THR A 51 -5.88 2.27 -12.94
C THR A 51 -4.80 1.84 -13.93
N ALA A 52 -3.57 2.26 -13.67
CA ALA A 52 -2.46 1.91 -14.53
C ALA A 52 -1.18 1.90 -13.70
N LEU A 53 -0.36 0.87 -13.92
CA LEU A 53 0.89 0.74 -13.17
C LEU A 53 2.07 1.19 -14.01
N ILE A 54 2.92 2.03 -13.43
CA ILE A 54 4.11 2.51 -14.11
C ILE A 54 5.27 1.73 -13.49
N THR A 55 5.91 0.89 -14.29
CA THR A 55 7.01 0.08 -13.80
C THR A 55 7.66 -0.61 -15.00
N LYS A 56 8.59 -1.52 -14.74
CA LYS A 56 9.25 -2.27 -15.80
C LYS A 56 9.19 -3.76 -15.48
N LEU A 57 9.14 -4.58 -16.53
CA LEU A 57 9.14 -6.02 -16.40
C LEU A 57 10.04 -6.54 -17.50
N PRO A 58 10.81 -7.61 -17.23
CA PRO A 58 11.70 -8.14 -18.25
C PRO A 58 10.95 -8.64 -19.47
N ALA A 59 11.59 -8.56 -20.62
CA ALA A 59 10.98 -9.01 -21.87
C ALA A 59 11.23 -10.50 -22.01
N ASN A 60 10.58 -11.30 -21.18
CA ASN A 60 10.68 -12.74 -21.26
C ASN A 60 9.32 -13.31 -20.85
N ARG A 61 9.17 -14.63 -20.91
CA ARG A 61 7.89 -15.25 -20.59
C ARG A 61 7.36 -14.94 -19.18
N LEU A 62 8.27 -14.78 -18.23
CA LEU A 62 7.87 -14.48 -16.87
C LEU A 62 7.33 -13.05 -16.83
N GLY A 63 8.01 -12.14 -17.53
CA GLY A 63 7.55 -10.77 -17.57
C GLY A 63 6.20 -10.70 -18.26
N GLU A 64 6.02 -11.49 -19.31
CA GLU A 64 4.75 -11.53 -20.04
C GLU A 64 3.62 -12.07 -19.16
N ALA A 65 3.94 -13.07 -18.33
CA ALA A 65 2.93 -13.64 -17.44
C ALA A 65 2.59 -12.56 -16.41
N GLY A 66 3.57 -11.73 -16.07
CA GLY A 66 3.34 -10.66 -15.11
C GLY A 66 2.35 -9.64 -15.65
N LYS A 67 2.53 -9.23 -16.90
CA LYS A 67 1.61 -8.26 -17.50
C LYS A 67 0.21 -8.85 -17.63
N ALA A 68 0.13 -10.15 -17.93
CA ALA A 68 -1.16 -10.83 -18.06
C ALA A 68 -1.88 -10.77 -16.71
N ALA A 69 -1.13 -10.94 -15.63
CA ALA A 69 -1.71 -10.89 -14.28
C ALA A 69 -2.23 -9.50 -13.95
N LEU A 70 -1.50 -8.48 -14.38
CA LEU A 70 -1.91 -7.09 -14.14
C LEU A 70 -3.25 -6.84 -14.83
N ARG A 71 -3.36 -7.26 -16.09
CA ARG A 71 -4.60 -7.07 -16.84
C ARG A 71 -5.76 -7.84 -16.19
N LYS A 72 -5.50 -9.10 -15.82
CA LYS A 72 -6.51 -9.92 -15.17
C LYS A 72 -7.11 -9.21 -13.97
N LEU A 73 -6.25 -8.55 -13.21
CA LEU A 73 -6.67 -7.81 -12.01
C LEU A 73 -7.43 -6.53 -12.37
N GLY A 74 -7.40 -6.15 -13.65
CA GLY A 74 -8.11 -4.97 -14.08
C GLY A 74 -7.21 -3.75 -14.21
N ILE A 75 -5.91 -3.96 -14.05
CA ILE A 75 -4.94 -2.87 -14.15
C ILE A 75 -4.41 -2.77 -15.58
N SER A 76 -4.36 -1.56 -16.11
CA SER A 76 -3.83 -1.35 -17.46
C SER A 76 -2.32 -1.58 -17.40
N ASP A 77 -1.79 -2.27 -18.41
CA ASP A 77 -0.38 -2.55 -18.48
C ASP A 77 0.28 -1.69 -19.57
N GLN A 78 -0.43 -0.67 -20.04
CA GLN A 78 0.09 0.19 -21.10
C GLN A 78 1.41 0.86 -20.75
N TRP A 79 1.59 1.25 -19.49
CA TRP A 79 2.81 1.90 -19.07
C TRP A 79 3.84 0.99 -18.41
N VAL A 80 3.70 -0.31 -18.64
CA VAL A 80 4.66 -1.27 -18.10
C VAL A 80 5.67 -1.49 -19.22
N GLY A 81 6.90 -1.03 -19.05
CA GLY A 81 7.89 -1.17 -20.09
C GLY A 81 8.77 -2.40 -19.93
N GLU A 82 9.58 -2.71 -20.94
CA GLU A 82 10.47 -3.86 -20.89
C GLU A 82 11.85 -3.41 -20.45
N LYS A 83 12.48 -4.18 -19.59
CA LYS A 83 13.80 -3.85 -19.09
C LYS A 83 14.31 -4.96 -18.19
N GLY A 84 15.62 -5.13 -18.13
CA GLY A 84 16.21 -6.14 -17.28
C GLY A 84 15.86 -7.57 -17.65
N ASP A 85 16.04 -8.47 -16.69
CA ASP A 85 15.76 -9.88 -16.90
C ASP A 85 15.16 -10.54 -15.66
N HIS A 86 15.38 -9.91 -14.52
CA HIS A 86 14.94 -10.44 -13.24
C HIS A 86 13.73 -9.76 -12.60
N ILE A 87 13.00 -10.50 -11.79
CA ILE A 87 11.86 -9.96 -11.07
C ILE A 87 12.09 -10.29 -9.60
N GLY A 88 11.84 -9.32 -8.71
CA GLY A 88 12.03 -9.57 -7.29
C GLY A 88 11.03 -10.60 -6.82
N SER A 89 11.31 -11.27 -5.72
CA SER A 89 10.38 -12.28 -5.21
C SER A 89 10.57 -12.58 -3.73
N PHE A 90 9.60 -13.29 -3.18
CA PHE A 90 9.66 -13.71 -1.78
C PHE A 90 8.78 -14.93 -1.56
N PHE A 91 9.12 -15.70 -0.54
CA PHE A 91 8.36 -16.88 -0.17
C PHE A 91 7.57 -16.51 1.06
N ALA A 92 6.34 -17.02 1.15
CA ALA A 92 5.51 -16.75 2.31
C ALA A 92 4.94 -18.06 2.84
N GLU A 93 5.40 -18.46 4.01
CA GLU A 93 4.92 -19.69 4.65
C GLU A 93 3.90 -19.25 5.67
N MSE A 94 2.63 -19.56 5.42
CA MSE A 94 1.54 -19.12 6.30
C MSE A 94 1.56 -19.73 7.69
O MSE A 94 1.63 -20.95 7.86
CB MSE A 94 0.18 -19.40 5.63
CG MSE A 94 0.08 -18.83 4.21
SE MSE A 94 0.57 -16.93 4.12
CE MSE A 94 2.42 -17.09 3.84
N GLY A 95 1.50 -18.86 8.69
CA GLY A 95 1.49 -19.28 10.07
C GLY A 95 0.09 -19.64 10.53
N TYR A 96 -0.03 -20.02 11.80
CA TYR A 96 -1.29 -20.41 12.39
C TYR A 96 -1.15 -20.25 13.88
N GLY A 97 -2.16 -19.69 14.54
CA GLY A 97 -2.08 -19.52 15.98
C GLY A 97 -0.82 -18.74 16.37
N ILE A 98 -0.06 -19.27 17.32
CA ILE A 98 1.14 -18.56 17.74
C ILE A 98 2.34 -18.76 16.81
N ARG A 99 2.19 -19.63 15.80
CA ARG A 99 3.28 -19.83 14.86
C ARG A 99 3.19 -18.69 13.84
N PRO A 100 4.17 -17.79 13.84
CA PRO A 100 4.16 -16.67 12.89
C PRO A 100 4.32 -17.03 11.43
N THR A 101 3.81 -16.16 10.57
CA THR A 101 3.93 -16.32 9.13
C THR A 101 5.39 -15.94 8.85
N GLN A 102 6.05 -16.69 7.96
CA GLN A 102 7.45 -16.42 7.65
C GLN A 102 7.65 -15.96 6.20
N VAL A 103 8.19 -14.76 6.05
CA VAL A 103 8.44 -14.22 4.71
C VAL A 103 9.95 -14.23 4.48
N THR A 104 10.37 -14.81 3.36
CA THR A 104 11.79 -14.88 3.02
C THR A 104 11.99 -14.24 1.64
N TYR A 105 12.69 -13.11 1.61
CA TYR A 105 12.95 -12.37 0.37
C TYR A 105 14.12 -12.92 -0.42
N GLN A 106 14.03 -12.77 -1.74
CA GLN A 106 15.10 -13.19 -2.64
C GLN A 106 15.65 -11.86 -3.18
N ASN A 107 16.56 -11.90 -4.15
CA ASN A 107 17.12 -10.67 -4.69
C ASN A 107 16.04 -9.73 -5.20
N ARG A 108 16.09 -8.50 -4.73
CA ARG A 108 15.10 -7.51 -5.12
C ARG A 108 15.68 -6.33 -5.90
N HIS A 109 16.90 -5.91 -5.57
CA HIS A 109 17.49 -4.75 -6.23
C HIS A 109 17.96 -4.94 -7.68
N GLN A 110 18.20 -6.19 -8.09
CA GLN A 110 18.65 -6.44 -9.46
C GLN A 110 17.45 -6.67 -10.40
N SER A 111 16.27 -6.28 -9.97
CA SER A 111 15.07 -6.45 -10.80
C SER A 111 14.96 -5.44 -11.92
N ALA A 112 14.05 -5.71 -12.86
CA ALA A 112 13.79 -4.82 -13.98
C ALA A 112 13.43 -3.42 -13.47
N PHE A 113 12.66 -3.37 -12.40
CA PHE A 113 12.26 -2.08 -11.83
C PHE A 113 13.43 -1.42 -11.11
N GLY A 114 14.21 -2.22 -10.39
CA GLY A 114 15.35 -1.71 -9.66
C GLY A 114 16.47 -1.10 -10.49
N ILE A 115 16.61 -1.54 -11.74
CA ILE A 115 17.67 -1.03 -12.60
C ILE A 115 17.20 0.04 -13.59
N SER A 116 15.93 0.42 -13.49
CA SER A 116 15.40 1.43 -14.39
C SER A 116 15.50 2.82 -13.75
N GLU A 117 15.72 3.83 -14.59
CA GLU A 117 15.84 5.20 -14.11
C GLU A 117 14.80 6.13 -14.74
N ALA A 118 14.69 7.32 -14.17
CA ALA A 118 13.73 8.32 -14.63
C ALA A 118 13.71 8.49 -16.14
N LYS A 119 14.87 8.43 -16.78
CA LYS A 119 14.93 8.62 -18.22
C LYS A 119 14.28 7.47 -19.00
N ASP A 120 14.02 6.36 -18.32
CA ASP A 120 13.37 5.22 -18.97
C ASP A 120 11.86 5.38 -18.97
N TYR A 121 11.36 6.38 -18.25
CA TYR A 121 9.91 6.61 -18.16
C TYR A 121 9.47 7.93 -18.76
N ASP A 122 8.37 7.91 -19.51
CA ASP A 122 7.85 9.12 -20.11
C ASP A 122 6.81 9.68 -19.17
N PHE A 123 7.25 10.16 -18.01
CA PHE A 123 6.35 10.72 -16.99
C PHE A 123 5.44 11.82 -17.52
N GLU A 124 5.96 12.66 -18.40
CA GLU A 124 5.18 13.75 -18.99
C GLU A 124 3.92 13.20 -19.63
N ALA A 125 4.10 12.21 -20.51
CA ALA A 125 2.97 11.59 -21.21
C ALA A 125 1.99 10.89 -20.27
N PHE A 126 2.51 10.25 -19.24
CA PHE A 126 1.65 9.53 -18.30
C PHE A 126 0.81 10.48 -17.48
N LEU A 127 1.47 11.46 -16.85
CA LEU A 127 0.79 12.44 -16.01
C LEU A 127 -0.35 13.12 -16.76
N ALA A 128 -0.20 13.29 -18.07
CA ALA A 128 -1.22 13.93 -18.89
C ALA A 128 -2.52 13.13 -18.95
N GLU A 129 -2.47 11.85 -18.58
CA GLU A 129 -3.65 11.02 -18.64
C GLU A 129 -4.18 10.53 -17.29
N VAL A 130 -3.62 11.03 -16.20
CA VAL A 130 -4.06 10.62 -14.87
C VAL A 130 -4.37 11.83 -14.00
N ASP A 131 -5.23 11.64 -13.01
CA ASP A 131 -5.59 12.72 -12.09
C ASP A 131 -4.87 12.56 -10.76
N MSE A 132 -4.42 11.34 -10.50
CA MSE A 132 -3.74 11.04 -9.24
C MSE A 132 -2.64 10.00 -9.48
O MSE A 132 -2.79 9.12 -10.31
CB MSE A 132 -4.75 10.51 -8.23
CG MSE A 132 -4.19 10.24 -6.84
SE MSE A 132 -5.57 9.58 -5.64
CE MSE A 132 -6.40 11.26 -5.16
N VAL A 133 -1.55 10.13 -8.75
CA VAL A 133 -0.45 9.17 -8.88
C VAL A 133 0.08 8.79 -7.50
N HIS A 134 0.17 7.48 -7.27
CA HIS A 134 0.67 6.97 -6.00
C HIS A 134 2.10 6.50 -6.18
N ILE A 135 2.99 7.04 -5.37
CA ILE A 135 4.39 6.68 -5.42
C ILE A 135 4.67 5.74 -4.27
N CYS A 136 4.98 4.48 -4.59
CA CYS A 136 5.23 3.47 -3.58
C CYS A 136 6.50 3.73 -2.81
N GLY A 137 6.36 3.79 -1.48
CA GLY A 137 7.50 4.04 -0.63
C GLY A 137 8.72 3.19 -0.94
N ILE A 138 8.48 1.99 -1.47
CA ILE A 138 9.60 1.09 -1.80
C ILE A 138 10.53 1.73 -2.83
N SER A 139 9.98 2.54 -3.74
CA SER A 139 10.77 3.22 -4.76
C SER A 139 11.89 4.04 -4.15
N LEU A 140 11.64 4.66 -3.00
CA LEU A 140 12.65 5.47 -2.34
C LEU A 140 13.81 4.73 -1.71
N SER A 141 13.61 3.44 -1.39
CA SER A 141 14.67 2.67 -0.75
C SER A 141 15.27 1.53 -1.58
N LEU A 142 14.57 1.09 -2.61
CA LEU A 142 15.07 -0.02 -3.42
C LEU A 142 16.47 0.28 -3.98
N THR A 143 16.57 1.24 -4.90
CA THR A 143 17.87 1.60 -5.46
C THR A 143 17.91 3.10 -5.70
N GLU A 144 19.11 3.63 -5.91
CA GLU A 144 19.27 5.05 -6.17
C GLU A 144 18.49 5.41 -7.43
N LYS A 145 18.48 4.49 -8.40
CA LYS A 145 17.77 4.74 -9.65
C LYS A 145 16.25 4.82 -9.48
N THR A 146 15.67 3.93 -8.67
CA THR A 146 14.22 3.97 -8.47
C THR A 146 13.90 5.19 -7.59
N ARG A 147 14.82 5.54 -6.70
CA ARG A 147 14.61 6.68 -5.83
C ARG A 147 14.60 7.98 -6.65
N ASP A 148 15.60 8.14 -7.52
CA ASP A 148 15.69 9.33 -8.35
C ASP A 148 14.47 9.45 -9.26
N ALA A 149 13.97 8.30 -9.74
CA ALA A 149 12.81 8.30 -10.60
C ALA A 149 11.56 8.71 -9.83
N ALA A 150 11.44 8.20 -8.61
CA ALA A 150 10.28 8.52 -7.78
C ALA A 150 10.23 10.02 -7.46
N LEU A 151 11.37 10.58 -7.07
CA LEU A 151 11.45 12.00 -6.73
C LEU A 151 11.09 12.87 -7.93
N ILE A 152 11.64 12.54 -9.10
CA ILE A 152 11.35 13.29 -10.31
C ILE A 152 9.87 13.22 -10.64
N LEU A 153 9.28 12.05 -10.48
CA LEU A 153 7.85 11.87 -10.78
C LEU A 153 6.99 12.72 -9.85
N ALA A 154 7.34 12.76 -8.58
CA ALA A 154 6.59 13.54 -7.60
C ALA A 154 6.65 15.02 -7.96
N GLN A 155 7.86 15.51 -8.23
CA GLN A 155 8.05 16.92 -8.61
C GLN A 155 7.21 17.23 -9.84
N LYS A 156 7.29 16.36 -10.84
CA LYS A 156 6.54 16.54 -12.07
C LYS A 156 5.04 16.52 -11.79
N ALA A 157 4.57 15.51 -11.06
CA ALA A 157 3.15 15.39 -10.73
C ALA A 157 2.67 16.68 -10.09
N HIS A 158 3.50 17.25 -9.22
CA HIS A 158 3.17 18.49 -8.55
C HIS A 158 2.99 19.61 -9.56
N ALA A 159 3.94 19.72 -10.49
CA ALA A 159 3.89 20.74 -11.53
C ALA A 159 2.59 20.65 -12.31
N TYR A 160 2.23 19.44 -12.72
CA TYR A 160 0.99 19.23 -13.48
C TYR A 160 -0.23 19.36 -12.58
N GLN A 161 0.02 19.65 -11.30
CA GLN A 161 -1.07 19.78 -10.35
C GLN A 161 -1.86 18.49 -10.20
N LYS A 162 -1.15 17.36 -10.27
CA LYS A 162 -1.79 16.06 -10.13
C LYS A 162 -1.71 15.67 -8.66
N LYS A 163 -2.75 15.03 -8.15
CA LYS A 163 -2.76 14.61 -6.75
C LYS A 163 -1.67 13.56 -6.55
N VAL A 164 -0.93 13.66 -5.45
CA VAL A 164 0.15 12.73 -5.16
C VAL A 164 -0.07 11.97 -3.86
N CYS A 165 0.05 10.65 -3.94
CA CYS A 165 -0.13 9.77 -2.78
C CYS A 165 1.18 9.05 -2.51
N PHE A 166 1.44 8.77 -1.24
CA PHE A 166 2.69 8.14 -0.85
C PHE A 166 2.49 7.28 0.39
N ASP A 167 3.17 6.13 0.43
CA ASP A 167 3.07 5.24 1.58
C ASP A 167 4.44 5.03 2.21
N PHE A 168 4.48 5.13 3.53
CA PHE A 168 5.71 4.90 4.27
C PHE A 168 5.91 3.39 4.19
N ASN A 169 7.10 2.96 3.80
CA ASN A 169 7.37 1.52 3.73
C ASN A 169 8.57 1.25 4.62
N TYR A 170 8.52 1.80 5.83
CA TYR A 170 9.60 1.64 6.80
C TYR A 170 9.36 0.47 7.73
N ARG A 171 10.27 -0.50 7.70
CA ARG A 171 10.17 -1.66 8.56
C ARG A 171 11.38 -1.67 9.49
N PRO A 172 11.19 -1.27 10.75
CA PRO A 172 12.22 -1.21 11.78
C PRO A 172 13.14 -2.42 11.76
N SER A 173 12.53 -3.60 11.87
CA SER A 173 13.25 -4.87 11.90
C SER A 173 14.21 -5.11 10.73
N LEU A 174 13.92 -4.55 9.57
CA LEU A 174 14.79 -4.76 8.41
C LEU A 174 15.74 -3.60 8.14
N ASN A 175 15.95 -2.75 9.15
CA ASN A 175 16.84 -1.60 9.00
C ASN A 175 17.83 -1.43 10.14
N THR A 176 19.00 -0.90 9.81
CA THR A 176 20.04 -0.65 10.80
C THR A 176 19.81 0.79 11.26
N ALA A 177 20.62 1.24 12.21
CA ALA A 177 20.50 2.60 12.73
C ALA A 177 20.73 3.62 11.61
N ASN A 178 21.80 3.43 10.85
CA ASN A 178 22.13 4.34 9.76
C ASN A 178 21.14 4.32 8.61
N SER A 179 20.79 3.14 8.12
CA SER A 179 19.84 3.02 7.02
C SER A 179 18.57 3.81 7.30
N ALA A 180 18.12 3.78 8.55
CA ALA A 180 16.92 4.50 8.95
C ALA A 180 17.11 5.99 8.70
N LEU A 181 18.28 6.49 9.10
CA LEU A 181 18.60 7.90 8.92
C LEU A 181 18.66 8.24 7.43
N PHE A 182 19.24 7.35 6.64
CA PHE A 182 19.34 7.58 5.21
C PHE A 182 17.95 7.69 4.61
N MSE A 183 17.05 6.79 5.01
CA MSE A 183 15.70 6.81 4.50
C MSE A 183 14.95 8.05 4.95
O MSE A 183 14.09 8.55 4.23
CB MSE A 183 14.94 5.55 4.93
CG MSE A 183 15.44 4.30 4.23
SE MSE A 183 15.74 4.63 2.33
CE MSE A 183 13.93 5.11 1.83
N ARG A 184 15.31 8.55 6.12
CA ARG A 184 14.71 9.77 6.66
C ARG A 184 14.90 10.87 5.62
N GLN A 185 16.14 11.03 5.18
CA GLN A 185 16.51 12.04 4.20
C GLN A 185 15.71 11.93 2.91
N GLN A 186 15.56 10.70 2.41
CA GLN A 186 14.83 10.48 1.17
C GLN A 186 13.36 10.80 1.31
N TYR A 187 12.78 10.45 2.45
CA TYR A 187 11.37 10.74 2.68
C TYR A 187 11.15 12.24 2.81
N GLU A 188 12.08 12.93 3.48
CA GLU A 188 11.97 14.37 3.65
C GLU A 188 12.00 15.06 2.30
N ARG A 189 12.66 14.44 1.33
CA ARG A 189 12.76 15.02 0.00
C ARG A 189 11.46 14.89 -0.81
N ILE A 190 10.72 13.80 -0.63
CA ILE A 190 9.48 13.63 -1.39
C ILE A 190 8.25 14.16 -0.68
N LEU A 191 8.24 14.11 0.65
CA LEU A 191 7.09 14.58 1.41
C LEU A 191 6.56 15.97 1.02
N PRO A 192 7.44 16.91 0.66
CA PRO A 192 6.96 18.24 0.28
C PRO A 192 6.02 18.24 -0.94
N TYR A 193 6.03 17.14 -1.69
CA TYR A 193 5.21 17.03 -2.90
C TYR A 193 3.95 16.19 -2.75
N CYS A 194 3.77 15.55 -1.59
CA CYS A 194 2.62 14.69 -1.36
C CYS A 194 1.37 15.38 -0.83
N ASP A 195 0.22 14.83 -1.20
CA ASP A 195 -1.07 15.36 -0.77
C ASP A 195 -1.72 14.36 0.21
N ILE A 196 -1.61 13.07 -0.12
CA ILE A 196 -2.18 12.02 0.73
C ILE A 196 -1.07 11.07 1.15
N VAL A 197 -0.91 10.89 2.46
CA VAL A 197 0.15 10.03 2.97
C VAL A 197 -0.36 8.91 3.88
N PHE A 198 0.18 7.72 3.67
CA PHE A 198 -0.18 6.55 4.47
C PHE A 198 0.99 6.18 5.37
N GLY A 199 0.72 6.10 6.67
CA GLY A 199 1.78 5.76 7.61
C GLY A 199 1.24 5.75 9.03
N SER A 200 2.13 5.47 9.98
CA SER A 200 1.72 5.42 11.38
C SER A 200 2.48 6.42 12.25
N ARG A 201 2.00 6.58 13.48
CA ARG A 201 2.61 7.48 14.46
C ARG A 201 4.06 7.09 14.67
N ARG A 202 4.31 5.81 14.87
CA ARG A 202 5.67 5.33 15.09
C ARG A 202 6.61 5.69 13.95
N ASP A 203 6.07 5.87 12.74
CA ASP A 203 6.93 6.24 11.62
C ASP A 203 7.47 7.66 11.86
N LEU A 204 6.56 8.56 12.22
CA LEU A 204 6.93 9.95 12.46
C LEU A 204 7.99 10.05 13.55
N VAL A 205 7.79 9.33 14.65
CA VAL A 205 8.74 9.35 15.76
C VAL A 205 10.04 8.59 15.49
N GLU A 206 9.91 7.31 15.17
CA GLU A 206 11.08 6.47 14.93
C GLU A 206 11.84 6.70 13.63
N LEU A 207 11.16 7.13 12.57
CA LEU A 207 11.86 7.36 11.32
C LEU A 207 12.16 8.82 11.04
N LEU A 208 11.14 9.67 11.17
CA LEU A 208 11.30 11.08 10.92
C LEU A 208 11.81 11.84 12.14
N GLY A 209 12.16 11.11 13.19
CA GLY A 209 12.69 11.71 14.40
C GLY A 209 11.83 12.74 15.11
N PHE A 210 10.54 12.81 14.78
CA PHE A 210 9.65 13.76 15.45
C PHE A 210 9.63 13.50 16.95
N ILE A 211 9.37 14.56 17.72
CA ILE A 211 9.30 14.46 19.18
C ILE A 211 7.93 14.92 19.65
N PRO A 212 7.24 14.10 20.47
CA PRO A 212 5.92 14.44 20.98
C PRO A 212 5.96 15.37 22.19
N ARG A 213 4.95 16.24 22.28
CA ARG A 213 4.84 17.18 23.39
C ARG A 213 4.62 16.40 24.68
N GLU A 214 5.70 16.16 25.42
CA GLU A 214 5.60 15.42 26.67
C GLU A 214 4.73 16.12 27.71
N ASP A 215 4.36 17.37 27.44
CA ASP A 215 3.51 18.11 28.36
C ASP A 215 2.06 17.75 28.08
N LEU A 216 1.85 17.05 26.97
CA LEU A 216 0.51 16.61 26.56
C LEU A 216 0.45 15.10 26.74
N GLU A 217 -0.72 14.51 26.48
CA GLU A 217 -0.88 13.07 26.62
C GLU A 217 -2.13 12.57 25.92
N GLY A 218 -2.19 11.25 25.72
CA GLY A 218 -3.34 10.65 25.08
C GLY A 218 -3.60 11.16 23.67
N GLU A 219 -4.88 11.28 23.32
CA GLU A 219 -5.30 11.74 22.01
C GLU A 219 -4.70 13.09 21.64
N ALA A 220 -4.86 14.06 22.54
CA ALA A 220 -4.34 15.42 22.33
C ALA A 220 -2.89 15.42 21.88
N GLN A 221 -2.06 14.65 22.59
CA GLN A 221 -0.64 14.56 22.24
C GLN A 221 -0.49 13.93 20.86
N GLU A 222 -1.22 12.84 20.66
CA GLU A 222 -1.21 12.10 19.41
C GLU A 222 -1.54 13.00 18.23
N THR A 223 -2.67 13.68 18.32
CA THR A 223 -3.12 14.58 17.27
C THR A 223 -2.17 15.76 17.03
N GLU A 224 -1.63 16.32 18.12
CA GLU A 224 -0.71 17.46 18.01
C GLU A 224 0.50 17.09 17.15
N LEU A 225 1.08 15.92 17.42
CA LEU A 225 2.24 15.46 16.68
C LEU A 225 1.95 15.27 15.19
N ILE A 226 0.84 14.61 14.88
CA ILE A 226 0.47 14.32 13.50
C ILE A 226 0.06 15.54 12.67
N GLN A 227 -0.76 16.41 13.23
CA GLN A 227 -1.18 17.58 12.49
C GLN A 227 -0.03 18.57 12.33
N ARG A 228 0.99 18.41 13.17
CA ARG A 228 2.17 19.27 13.12
C ARG A 228 2.97 18.81 11.90
N PHE A 229 3.17 17.49 11.81
CA PHE A 229 3.89 16.87 10.69
C PHE A 229 3.19 17.24 9.39
N MSE A 230 1.86 17.20 9.41
CA MSE A 230 1.07 17.50 8.22
C MSE A 230 1.16 18.94 7.73
O MSE A 230 1.28 19.18 6.53
CB MSE A 230 -0.40 17.17 8.48
CG MSE A 230 -0.70 15.69 8.59
SE MSE A 230 -2.59 15.42 8.76
CE MSE A 230 -3.11 15.69 6.92
N SER A 231 1.09 19.90 8.65
CA SER A 231 1.15 21.31 8.26
C SER A 231 2.53 21.65 7.74
N GLN A 232 3.55 20.97 8.28
CA GLN A 232 4.92 21.20 7.84
C GLN A 232 5.10 20.91 6.35
N TYR A 233 4.40 19.90 5.84
CA TYR A 233 4.51 19.54 4.43
C TYR A 233 3.21 19.90 3.73
N ASN A 234 2.31 20.52 4.48
CA ASN A 234 1.01 20.95 3.98
C ASN A 234 0.23 19.79 3.36
N LEU A 235 0.33 18.62 3.99
CA LEU A 235 -0.37 17.43 3.53
C LEU A 235 -1.87 17.62 3.66
N GLU A 236 -2.63 16.97 2.79
CA GLU A 236 -4.08 17.07 2.81
C GLU A 236 -4.71 15.96 3.67
N TRP A 237 -4.22 14.73 3.51
CA TRP A 237 -4.72 13.58 4.28
C TRP A 237 -3.59 12.69 4.78
N PHE A 238 -3.72 12.21 6.01
CA PHE A 238 -2.75 11.31 6.61
C PHE A 238 -3.59 10.17 7.17
N ALA A 239 -3.31 8.94 6.76
CA ALA A 239 -4.11 7.81 7.25
C ALA A 239 -3.29 6.56 7.53
N GLY A 240 -3.85 5.71 8.40
CA GLY A 240 -3.19 4.49 8.78
C GLY A 240 -4.11 3.67 9.66
N THR A 241 -3.57 2.59 10.21
CA THR A 241 -4.36 1.72 11.07
C THR A 241 -3.59 1.32 12.31
N THR A 242 -4.32 0.95 13.33
CA THR A 242 -3.70 0.53 14.57
C THR A 242 -4.28 -0.82 14.97
N ARG A 243 -3.39 -1.77 15.25
CA ARG A 243 -3.79 -3.12 15.66
C ARG A 243 -3.74 -3.18 17.17
N SER A 244 -4.75 -3.80 17.77
CA SER A 244 -4.80 -3.94 19.22
C SER A 244 -5.33 -5.33 19.54
N HIS A 245 -5.21 -5.72 20.81
CA HIS A 245 -5.68 -7.02 21.22
C HIS A 245 -6.13 -7.06 22.67
N SER A 246 -7.39 -7.45 22.86
CA SER A 246 -7.94 -7.58 24.21
C SER A 246 -7.69 -9.06 24.49
N GLN A 247 -8.14 -9.55 25.63
CA GLN A 247 -7.93 -10.97 25.91
C GLN A 247 -8.79 -11.79 24.96
N ASN A 248 -8.14 -12.67 24.20
CA ASN A 248 -8.80 -13.54 23.24
C ASN A 248 -8.95 -12.97 21.83
N GLN A 249 -9.31 -11.69 21.72
CA GLN A 249 -9.53 -11.08 20.41
C GLN A 249 -8.52 -10.05 19.92
N ASN A 250 -8.42 -9.94 18.60
CA ASN A 250 -7.54 -8.97 17.96
C ASN A 250 -8.45 -7.97 17.25
N TYR A 251 -8.00 -6.72 17.15
CA TYR A 251 -8.81 -5.70 16.52
C TYR A 251 -8.04 -4.83 15.56
N LEU A 252 -8.75 -4.24 14.61
CA LEU A 252 -8.14 -3.35 13.66
C LEU A 252 -8.91 -2.05 13.74
N SER A 253 -8.20 -0.93 13.72
CA SER A 253 -8.84 0.37 13.79
C SER A 253 -8.14 1.31 12.82
N GLY A 254 -8.93 2.05 12.04
CA GLY A 254 -8.34 2.96 11.10
C GLY A 254 -8.50 4.42 11.53
N TYR A 255 -7.54 5.26 11.15
CA TYR A 255 -7.62 6.67 11.48
C TYR A 255 -7.30 7.50 10.25
N LEU A 256 -7.92 8.68 10.17
CA LEU A 256 -7.73 9.58 9.04
C LEU A 256 -7.64 11.01 9.57
N TYR A 257 -6.50 11.65 9.33
CA TYR A 257 -6.27 13.02 9.79
C TYR A 257 -6.15 14.04 8.66
N THR A 258 -6.46 15.28 8.99
CA THR A 258 -6.32 16.40 8.08
C THR A 258 -5.58 17.36 9.00
N GLN A 259 -5.21 18.53 8.51
CA GLN A 259 -4.50 19.46 9.37
C GLN A 259 -5.42 19.97 10.48
N ASN A 260 -6.73 19.92 10.25
CA ASN A 260 -7.68 20.41 11.24
C ASN A 260 -8.74 19.42 11.73
N GLU A 261 -8.59 18.15 11.39
CA GLU A 261 -9.58 17.14 11.83
C GLU A 261 -8.96 15.79 12.13
N TYR A 262 -9.72 14.96 12.85
CA TYR A 262 -9.28 13.63 13.22
C TYR A 262 -10.47 12.68 13.28
N GLN A 263 -10.43 11.64 12.46
CA GLN A 263 -11.51 10.66 12.42
C GLN A 263 -10.97 9.26 12.65
N GLN A 264 -11.48 8.60 13.68
CA GLN A 264 -11.05 7.26 14.04
C GLN A 264 -12.26 6.33 13.95
N SER A 265 -12.07 5.13 13.43
CA SER A 265 -13.16 4.18 13.32
C SER A 265 -13.22 3.39 14.62
N GLU A 266 -14.33 2.70 14.85
CA GLU A 266 -14.44 1.89 16.06
C GLU A 266 -13.64 0.61 15.83
N LYS A 267 -13.11 0.02 16.89
CA LYS A 267 -12.33 -1.22 16.78
C LYS A 267 -13.15 -2.30 16.07
N ARG A 268 -12.55 -2.96 15.11
CA ARG A 268 -13.22 -4.02 14.36
C ARG A 268 -12.54 -5.34 14.68
N PRO A 269 -13.31 -6.35 15.13
CA PRO A 269 -12.69 -7.64 15.43
C PRO A 269 -11.91 -8.07 14.17
N LEU A 270 -10.70 -8.57 14.34
CA LEU A 270 -9.86 -8.97 13.22
C LEU A 270 -9.50 -10.46 13.26
N LEU A 271 -9.77 -11.16 12.15
CA LEU A 271 -9.43 -12.57 12.03
C LEU A 271 -8.39 -12.68 10.92
N ASN A 272 -7.21 -13.14 11.31
CA ASN A 272 -6.06 -13.23 10.43
C ASN A 272 -5.80 -14.54 9.69
N LEU A 273 -6.11 -14.56 8.40
CA LEU A 273 -5.83 -15.75 7.60
C LEU A 273 -4.53 -15.41 6.85
N ASP A 274 -4.42 -14.17 6.40
CA ASP A 274 -3.23 -13.72 5.65
C ASP A 274 -3.21 -12.19 5.70
N ARG A 275 -2.25 -11.62 6.43
CA ARG A 275 -2.18 -10.16 6.53
C ARG A 275 -1.24 -9.49 5.55
N ILE A 276 -0.49 -10.28 4.81
CA ILE A 276 0.47 -9.69 3.88
C ILE A 276 -0.22 -8.77 2.86
N GLY A 277 0.20 -7.51 2.83
CA GLY A 277 -0.37 -6.55 1.90
C GLY A 277 -1.71 -5.95 2.33
N ALA A 278 -2.26 -6.42 3.44
CA ALA A 278 -3.55 -5.91 3.90
C ALA A 278 -3.53 -4.41 4.11
N GLY A 279 -2.35 -3.87 4.36
CA GLY A 279 -2.23 -2.43 4.55
C GLY A 279 -2.59 -1.70 3.28
N ASP A 280 -2.39 -2.35 2.14
CA ASP A 280 -2.73 -1.71 0.87
C ASP A 280 -4.23 -1.69 0.61
N ALA A 281 -4.98 -2.56 1.28
CA ALA A 281 -6.43 -2.59 1.12
C ALA A 281 -7.01 -1.40 1.89
N TYR A 282 -6.40 -1.06 3.02
CA TYR A 282 -6.86 0.08 3.81
C TYR A 282 -6.65 1.34 2.97
N ALA A 283 -5.46 1.49 2.40
CA ALA A 283 -5.13 2.63 1.57
C ALA A 283 -6.08 2.74 0.39
N ALA A 284 -6.39 1.60 -0.23
CA ALA A 284 -7.30 1.60 -1.38
C ALA A 284 -8.66 2.12 -0.96
N GLY A 285 -9.08 1.76 0.25
CA GLY A 285 -10.36 2.22 0.76
C GLY A 285 -10.36 3.71 1.01
N ILE A 286 -9.24 4.22 1.54
CA ILE A 286 -9.10 5.64 1.81
C ILE A 286 -9.13 6.41 0.50
N LEU A 287 -8.31 5.98 -0.46
CA LEU A 287 -8.27 6.64 -1.76
C LEU A 287 -9.63 6.61 -2.44
N TYR A 288 -10.34 5.49 -2.31
CA TYR A 288 -11.65 5.38 -2.94
C TYR A 288 -12.60 6.40 -2.32
N GLY A 289 -12.55 6.54 -1.00
CA GLY A 289 -13.39 7.48 -0.31
C GLY A 289 -13.08 8.88 -0.80
N TYR A 290 -11.80 9.13 -1.06
CA TYR A 290 -11.36 10.42 -1.55
C TYR A 290 -11.94 10.70 -2.93
N SER A 291 -11.83 9.71 -3.82
CA SER A 291 -12.33 9.83 -5.18
C SER A 291 -13.83 10.09 -5.22
N GLN A 292 -14.52 9.69 -4.15
CA GLN A 292 -15.96 9.87 -4.08
C GLN A 292 -16.32 11.09 -3.23
N ASN A 293 -15.31 11.82 -2.78
CA ASN A 293 -15.53 12.99 -1.93
C ASN A 293 -16.43 12.61 -0.77
N TRP A 294 -16.05 11.57 -0.04
CA TRP A 294 -16.80 11.11 1.12
C TRP A 294 -16.33 11.85 2.35
N SER A 295 -17.12 11.82 3.41
CA SER A 295 -16.73 12.47 4.65
C SER A 295 -15.60 11.63 5.22
N LEU A 296 -14.85 12.19 6.16
CA LEU A 296 -13.74 11.48 6.77
C LEU A 296 -14.24 10.25 7.51
N GLU A 297 -15.41 10.37 8.13
CA GLU A 297 -16.00 9.27 8.87
C GLU A 297 -16.38 8.10 7.96
N LYS A 298 -17.03 8.42 6.85
CA LYS A 298 -17.46 7.40 5.90
C LYS A 298 -16.26 6.70 5.26
N ALA A 299 -15.23 7.48 4.94
CA ALA A 299 -14.03 6.93 4.32
C ALA A 299 -13.24 6.01 5.25
N VAL A 300 -13.06 6.44 6.50
CA VAL A 300 -12.31 5.64 7.46
C VAL A 300 -13.07 4.36 7.85
N THR A 301 -14.39 4.45 7.89
CA THR A 301 -15.20 3.27 8.23
C THR A 301 -15.12 2.25 7.08
N PHE A 302 -15.31 2.75 5.86
CA PHE A 302 -15.26 1.91 4.68
C PHE A 302 -13.89 1.25 4.54
N ALA A 303 -12.83 2.04 4.69
CA ALA A 303 -11.46 1.56 4.56
C ALA A 303 -11.05 0.52 5.62
N THR A 304 -11.50 0.72 6.86
CA THR A 304 -11.17 -0.21 7.93
C THR A 304 -11.82 -1.56 7.68
N VAL A 305 -13.07 -1.57 7.24
CA VAL A 305 -13.77 -2.81 6.94
C VAL A 305 -13.04 -3.51 5.79
N ASN A 306 -12.61 -2.73 4.80
CA ASN A 306 -11.89 -3.29 3.67
C ASN A 306 -10.60 -3.94 4.16
N GLY A 307 -9.95 -3.27 5.11
CA GLY A 307 -8.71 -3.79 5.67
C GLY A 307 -8.93 -5.11 6.39
N VAL A 308 -10.03 -5.22 7.12
CA VAL A 308 -10.35 -6.45 7.85
C VAL A 308 -10.62 -7.57 6.83
N LEU A 309 -11.33 -7.22 5.76
CA LEU A 309 -11.65 -8.17 4.71
C LEU A 309 -10.40 -8.73 4.03
N ALA A 310 -9.40 -7.89 3.83
CA ALA A 310 -8.16 -8.31 3.20
C ALA A 310 -7.46 -9.39 3.99
N HIS A 311 -7.65 -9.38 5.31
CA HIS A 311 -7.03 -10.39 6.17
C HIS A 311 -7.70 -11.76 6.02
N THR A 312 -8.90 -11.79 5.44
CA THR A 312 -9.61 -13.05 5.24
C THR A 312 -9.40 -13.58 3.83
N ILE A 313 -8.67 -12.83 3.01
CA ILE A 313 -8.40 -13.21 1.63
C ILE A 313 -7.00 -13.76 1.51
N GLN A 314 -6.86 -14.97 0.98
CA GLN A 314 -5.53 -15.57 0.83
C GLN A 314 -4.73 -14.75 -0.20
N GLY A 315 -3.48 -14.45 0.12
CA GLY A 315 -2.66 -13.68 -0.81
C GLY A 315 -2.70 -12.18 -0.56
N ASP A 316 -1.76 -11.47 -1.17
CA ASP A 316 -1.62 -10.00 -1.03
C ASP A 316 -2.71 -9.15 -1.67
N ILE A 317 -3.22 -9.58 -2.81
CA ILE A 317 -4.22 -8.81 -3.54
C ILE A 317 -5.58 -8.72 -2.87
N PRO A 318 -6.02 -7.49 -2.54
CA PRO A 318 -7.32 -7.27 -1.91
C PRO A 318 -8.36 -7.25 -3.03
N LEU A 319 -9.03 -8.39 -3.22
CA LEU A 319 -10.04 -8.53 -4.26
C LEU A 319 -11.44 -8.30 -3.70
N THR A 320 -11.74 -7.04 -3.38
CA THR A 320 -13.03 -6.66 -2.82
C THR A 320 -13.74 -5.65 -3.71
N THR A 321 -15.06 -5.55 -3.56
CA THR A 321 -15.85 -4.61 -4.34
C THR A 321 -16.59 -3.69 -3.37
N VAL A 322 -17.05 -2.55 -3.87
CA VAL A 322 -17.77 -1.58 -3.05
C VAL A 322 -19.01 -2.22 -2.43
N LYS A 323 -19.74 -3.00 -3.23
CA LYS A 323 -20.95 -3.65 -2.74
C LYS A 323 -20.66 -4.65 -1.63
N GLN A 324 -19.55 -5.38 -1.76
CA GLN A 324 -19.17 -6.37 -0.76
C GLN A 324 -18.88 -5.69 0.57
N VAL A 325 -18.10 -4.63 0.54
CA VAL A 325 -17.74 -3.88 1.74
C VAL A 325 -19.01 -3.32 2.40
N ASN A 326 -19.86 -2.71 1.59
CA ASN A 326 -21.11 -2.13 2.09
C ASN A 326 -22.03 -3.21 2.64
N HIS A 327 -21.99 -4.40 2.07
CA HIS A 327 -22.83 -5.48 2.56
C HIS A 327 -22.37 -5.89 3.96
N VAL A 328 -21.06 -5.87 4.18
CA VAL A 328 -20.54 -6.23 5.50
C VAL A 328 -21.00 -5.17 6.51
N LEU A 329 -20.95 -3.90 6.11
CA LEU A 329 -21.37 -2.81 7.00
C LEU A 329 -22.87 -2.83 7.27
N GLU A 330 -23.65 -2.97 6.20
CA GLU A 330 -25.10 -2.97 6.30
C GLU A 330 -25.73 -4.27 6.80
N HIS A 331 -25.08 -5.39 6.54
CA HIS A 331 -25.63 -6.69 6.95
C HIS A 331 -24.56 -7.56 7.61
N PRO A 332 -24.19 -7.20 8.84
CA PRO A 332 -23.18 -7.89 9.67
C PRO A 332 -23.46 -9.35 10.00
N ASN A 333 -24.74 -9.74 9.98
CA ASN A 333 -25.10 -11.10 10.32
C ASN A 333 -25.30 -12.05 9.14
N ILE A 334 -25.17 -11.54 7.92
CA ILE A 334 -25.32 -12.38 6.74
C ILE A 334 -23.94 -12.94 6.36
N ASP A 335 -23.75 -14.24 6.57
CA ASP A 335 -22.46 -14.87 6.26
C ASP A 335 -22.46 -15.66 4.96
N LEU A 336 -23.60 -15.66 4.26
CA LEU A 336 -23.72 -16.40 3.00
C LEU A 336 -24.60 -15.63 2.02
N ILE A 337 -24.06 -15.36 0.84
CA ILE A 337 -24.79 -14.63 -0.19
C ILE A 337 -25.07 -15.51 -1.41
N ARG A 338 -26.33 -15.52 -1.85
CA ARG A 338 -26.75 -16.31 -3.01
C ARG A 338 -27.13 -15.41 -4.18
N GLU A 339 -26.55 -15.69 -5.35
CA GLU A 339 -26.82 -14.92 -6.55
C GLU A 339 -26.98 -15.83 -7.77
N GLY A 340 -27.49 -15.25 -8.86
CA GLY A 340 -27.66 -16.02 -10.09
C GLY A 340 -29.00 -16.73 -10.20
N HIS A 341 -29.89 -16.47 -9.24
CA HIS A 341 -31.21 -17.08 -9.23
C HIS A 341 -32.10 -16.51 -10.34
S SO4 B . 7.93 -4.65 1.60
O1 SO4 B . 8.62 -4.15 2.81
O2 SO4 B . 6.48 -4.68 1.83
O3 SO4 B . 8.24 -3.78 0.46
O4 SO4 B . 8.44 -6.01 1.33
MG MG C . -3.67 -9.60 2.99
#